data_9J5A
#
_entry.id   9J5A
#
_cell.length_a   108.156
_cell.length_b   108.156
_cell.length_c   44.549
_cell.angle_alpha   90.000
_cell.angle_beta   90.000
_cell.angle_gamma   120.000
#
_symmetry.space_group_name_H-M   'P 63'
#
loop_
_entity.id
_entity.type
_entity.pdbx_description
1 polymer 'Alpha/beta hydrolase fold-3 domain-containing protein'
2 non-polymer 1,2-ETHANEDIOL
3 non-polymer P-NITROPHENOL
4 non-polymer 'ACETYL GROUP'
5 water water
#
_entity_poly.entity_id   1
_entity_poly.type   'polypeptide(L)'
_entity_poly.pdbx_seq_one_letter_code
;HHHHHHMPLDPRVEQFLAQMPPLNREGLSLAEARQQFKQGALLLDQMVPPPPVDTEDGTVVTTHGPVRIRRYIPDRLRFS
HPLVFYHGGGFVFGDIDTHHGLVARLCQTVGATVISVDYSLAPEAKFPVPVAECIDVARWAAHEAPGWGLKPSIVVAGDS
AGGNLAAVVSQRAKDESLPIAAQLLFYPALDMVHETPSKRDFARGYLLEADAMQWFGEQYLRTPDDVSHPWASPALSPDL
TGLPPALVITAEYDPLRDEGEAYAEALRAAGVPTEQIRFDGMIHGFMTMPIFPQMEAAIEAVARFLERID
;
_entity_poly.pdbx_strand_id   A
#
# COMPACT_ATOMS: atom_id res chain seq x y z
N HIS A 6 -22.19 -3.42 12.29
CA HIS A 6 -21.79 -4.86 12.92
C HIS A 6 -20.89 -4.67 14.14
N MET A 7 -19.55 -4.85 14.03
CA MET A 7 -18.83 -5.15 15.26
C MET A 7 -18.41 -3.87 15.97
N PRO A 8 -18.27 -3.86 17.32
CA PRO A 8 -17.86 -2.63 18.01
C PRO A 8 -16.49 -2.16 17.52
N LEU A 9 -16.27 -0.87 17.63
CA LEU A 9 -14.94 -0.33 17.38
C LEU A 9 -13.94 -0.92 18.37
N ASP A 10 -12.73 -1.18 17.88
CA ASP A 10 -11.65 -1.57 18.76
C ASP A 10 -11.51 -0.49 19.85
N PRO A 11 -11.30 -0.84 21.15
CA PRO A 11 -11.18 0.21 22.15
C PRO A 11 -10.12 1.28 21.94
N ARG A 12 -8.90 0.91 21.53
CA ARG A 12 -7.83 1.88 21.30
CA ARG A 12 -7.84 1.88 21.31
C ARG A 12 -8.20 2.79 20.13
N VAL A 13 -8.79 2.20 19.08
CA VAL A 13 -9.27 2.97 17.94
C VAL A 13 -10.31 3.98 18.41
N GLU A 14 -11.26 3.54 19.23
CA GLU A 14 -12.33 4.39 19.72
C GLU A 14 -11.72 5.60 20.45
N GLN A 15 -10.72 5.34 21.29
CA GLN A 15 -10.07 6.39 22.08
C GLN A 15 -9.34 7.35 21.15
N PHE A 16 -8.65 6.79 20.14
CA PHE A 16 -7.91 7.59 19.16
C PHE A 16 -8.86 8.54 18.44
N LEU A 17 -9.97 8.00 17.94
CA LEU A 17 -10.94 8.83 17.23
C LEU A 17 -11.51 9.92 18.15
N ALA A 18 -11.72 9.60 19.43
CA ALA A 18 -12.35 10.52 20.35
C ALA A 18 -11.40 11.68 20.66
N GLN A 19 -10.09 11.46 20.53
CA GLN A 19 -9.06 12.42 20.94
CA GLN A 19 -9.15 12.51 20.95
C GLN A 19 -8.58 13.23 19.73
N MET A 20 -9.12 12.96 18.54
CA MET A 20 -8.72 13.63 17.30
C MET A 20 -9.20 15.09 17.34
N PRO A 21 -8.40 16.05 16.82
CA PRO A 21 -8.91 17.39 16.50
C PRO A 21 -9.91 17.38 15.33
N LEU A 28 -4.88 25.24 5.20
CA LEU A 28 -3.44 24.92 5.05
C LEU A 28 -3.03 24.99 3.58
N SER A 29 -1.81 25.46 3.35
CA SER A 29 -1.13 25.27 2.08
C SER A 29 -0.75 23.80 1.89
N LEU A 30 -0.45 23.46 0.64
CA LEU A 30 -0.05 22.11 0.29
C LEU A 30 1.21 21.73 1.08
N ALA A 31 2.18 22.64 1.16
CA ALA A 31 3.43 22.35 1.86
C ALA A 31 3.13 22.13 3.35
N GLU A 32 2.26 22.97 3.91
CA GLU A 32 1.88 22.84 5.32
C GLU A 32 1.15 21.53 5.59
N ALA A 33 0.27 21.13 4.66
CA ALA A 33 -0.48 19.89 4.83
C ALA A 33 0.46 18.69 4.76
N ARG A 34 1.46 18.73 3.88
CA ARG A 34 2.45 17.67 3.77
C ARG A 34 3.28 17.56 5.04
N GLN A 35 3.62 18.71 5.61
CA GLN A 35 4.39 18.74 6.85
C GLN A 35 3.55 18.19 8.01
N GLN A 36 2.27 18.61 8.07
CA GLN A 36 1.37 18.11 9.11
C GLN A 36 1.25 16.58 9.02
N PHE A 37 1.11 16.02 7.82
CA PHE A 37 1.06 14.57 7.66
C PHE A 37 2.34 13.91 8.19
N LYS A 38 3.51 14.47 7.83
CA LYS A 38 4.79 13.95 8.30
C LYS A 38 4.93 14.04 9.82
N GLN A 39 4.47 15.15 10.40
CA GLN A 39 4.51 15.33 11.86
C GLN A 39 3.65 14.27 12.57
N GLY A 40 2.49 13.94 12.01
CA GLY A 40 1.66 12.90 12.61
C GLY A 40 2.36 11.53 12.62
N ALA A 41 2.99 11.20 11.49
CA ALA A 41 3.74 9.97 11.36
C ALA A 41 4.90 9.93 12.37
N LEU A 42 5.62 11.04 12.54
CA LEU A 42 6.72 11.09 13.48
C LEU A 42 6.20 10.81 14.90
N LEU A 43 5.04 11.40 15.24
CA LEU A 43 4.54 11.32 16.59
C LEU A 43 4.19 9.86 16.92
N LEU A 44 3.57 9.17 15.98
CA LEU A 44 3.25 7.76 16.17
C LEU A 44 4.53 6.94 16.34
N ASP A 45 5.56 7.22 15.54
CA ASP A 45 6.82 6.51 15.66
C ASP A 45 7.48 6.80 17.01
N GLN A 46 7.34 8.04 17.54
CA GLN A 46 7.86 8.37 18.86
C GLN A 46 7.11 7.59 19.95
N MET A 47 5.81 7.38 19.77
CA MET A 47 5.02 6.66 20.76
C MET A 47 5.36 5.17 20.76
N VAL A 48 5.63 4.60 19.57
CA VAL A 48 5.90 3.19 19.47
C VAL A 48 7.03 3.00 18.49
N PRO A 49 8.27 3.11 18.97
CA PRO A 49 9.45 3.15 18.10
C PRO A 49 9.60 1.94 17.17
N PRO A 50 10.10 2.17 15.96
CA PRO A 50 10.30 1.08 15.01
C PRO A 50 11.48 0.23 15.41
N PRO A 51 11.57 -1.02 14.90
CA PRO A 51 12.74 -1.85 15.16
C PRO A 51 13.93 -1.27 14.40
N PRO A 52 15.14 -1.36 14.98
CA PRO A 52 16.36 -1.03 14.24
C PRO A 52 16.44 -1.92 12.99
N VAL A 53 16.93 -1.34 11.91
CA VAL A 53 17.05 -2.07 10.64
C VAL A 53 18.12 -1.37 9.79
N ASP A 54 18.96 -2.18 9.13
CA ASP A 54 19.94 -1.67 8.17
C ASP A 54 19.23 -1.18 6.91
N THR A 55 19.63 -0.02 6.41
CA THR A 55 19.04 0.56 5.21
C THR A 55 20.12 1.21 4.37
N GLU A 56 19.82 1.29 3.07
CA GLU A 56 20.68 1.94 2.10
C GLU A 56 19.79 2.74 1.16
N ASP A 57 20.14 4.01 0.95
CA ASP A 57 19.39 4.88 0.06
C ASP A 57 19.96 4.80 -1.34
N GLY A 58 19.09 4.98 -2.33
CA GLY A 58 19.53 5.06 -3.71
C GLY A 58 18.48 5.76 -4.56
N THR A 59 18.75 5.77 -5.88
CA THR A 59 17.88 6.43 -6.84
C THR A 59 17.79 5.55 -8.07
N VAL A 60 16.57 5.25 -8.49
CA VAL A 60 16.31 4.49 -9.71
C VAL A 60 16.00 5.44 -10.85
N VAL A 61 16.61 5.17 -12.01
CA VAL A 61 16.31 5.91 -13.23
C VAL A 61 15.05 5.30 -13.82
N THR A 62 13.96 6.07 -13.80
CA THR A 62 12.73 5.64 -14.45
C THR A 62 12.48 6.42 -15.74
N THR A 63 11.43 5.98 -16.45
CA THR A 63 11.01 6.61 -17.68
C THR A 63 10.42 8.01 -17.45
N HIS A 64 10.19 8.39 -16.17
CA HIS A 64 9.65 9.71 -15.86
C HIS A 64 10.57 10.50 -14.94
N GLY A 65 11.80 10.00 -14.78
CA GLY A 65 12.78 10.72 -13.98
C GLY A 65 13.33 9.86 -12.84
N PRO A 66 14.25 10.42 -12.07
CA PRO A 66 14.84 9.72 -10.93
C PRO A 66 13.81 9.55 -9.83
N VAL A 67 13.81 8.35 -9.24
CA VAL A 67 12.94 8.04 -8.13
C VAL A 67 13.80 7.52 -6.97
N ARG A 68 13.79 8.26 -5.84
CA ARG A 68 14.55 7.83 -4.69
C ARG A 68 13.92 6.59 -4.08
N ILE A 69 14.78 5.70 -3.57
CA ILE A 69 14.34 4.47 -2.93
C ILE A 69 15.15 4.29 -1.66
N ARG A 70 14.65 3.44 -0.78
CA ARG A 70 15.44 2.99 0.35
C ARG A 70 15.30 1.48 0.45
N ARG A 71 16.44 0.79 0.48
CA ARG A 71 16.44 -0.64 0.60
C ARG A 71 16.66 -1.01 2.06
N TYR A 72 15.77 -1.87 2.54
CA TYR A 72 15.80 -2.38 3.89
C TYR A 72 16.37 -3.79 3.85
N ILE A 73 17.38 -4.05 4.70
CA ILE A 73 18.03 -5.33 4.76
C ILE A 73 17.73 -5.98 6.10
N PRO A 74 17.09 -7.18 6.12
CA PRO A 74 16.73 -7.82 7.39
C PRO A 74 17.96 -8.33 8.10
N ASP A 75 17.86 -8.43 9.45
CA ASP A 75 18.90 -9.06 10.22
C ASP A 75 19.18 -10.46 9.71
N ARG A 76 18.12 -11.19 9.38
CA ARG A 76 18.23 -12.54 8.87
C ARG A 76 17.28 -12.69 7.69
N LEU A 77 17.86 -12.92 6.53
CA LEU A 77 17.08 -13.04 5.30
C LEU A 77 16.44 -14.43 5.25
N ARG A 78 15.11 -14.46 5.22
CA ARG A 78 14.34 -15.70 5.25
C ARG A 78 13.38 -15.83 4.06
N PHE A 79 13.16 -14.76 3.28
CA PHE A 79 12.22 -14.79 2.17
C PHE A 79 12.94 -14.52 0.83
N SER A 80 12.63 -15.31 -0.19
CA SER A 80 13.50 -15.41 -1.36
C SER A 80 13.14 -14.43 -2.49
N HIS A 81 12.18 -13.52 -2.28
CA HIS A 81 11.86 -12.51 -3.27
C HIS A 81 12.00 -11.12 -2.64
N PRO A 82 12.46 -10.09 -3.39
CA PRO A 82 12.40 -8.73 -2.88
C PRO A 82 10.96 -8.25 -2.84
N LEU A 83 10.65 -7.44 -1.81
CA LEU A 83 9.40 -6.69 -1.74
C LEU A 83 9.66 -5.31 -2.28
N VAL A 84 8.72 -4.78 -3.05
CA VAL A 84 8.74 -3.40 -3.47
C VAL A 84 7.47 -2.77 -2.92
N PHE A 85 7.68 -1.73 -2.11
CA PHE A 85 6.65 -1.15 -1.28
C PHE A 85 6.38 0.28 -1.76
N TYR A 86 5.09 0.57 -1.99
CA TYR A 86 4.62 1.88 -2.40
C TYR A 86 3.76 2.49 -1.29
N HIS A 87 4.22 3.60 -0.70
CA HIS A 87 3.50 4.22 0.40
C HIS A 87 2.16 4.82 -0.06
N GLY A 88 1.24 4.94 0.90
CA GLY A 88 0.00 5.66 0.69
C GLY A 88 0.10 7.12 1.12
N GLY A 89 -1.05 7.77 1.11
CA GLY A 89 -1.16 9.21 1.30
C GLY A 89 -1.92 9.94 0.20
N GLY A 90 -2.85 9.26 -0.47
CA GLY A 90 -3.78 9.94 -1.35
C GLY A 90 -3.19 10.40 -2.68
N PHE A 91 -1.97 9.90 -2.99
CA PHE A 91 -1.12 10.32 -4.10
C PHE A 91 -0.48 11.69 -3.88
N VAL A 92 -0.76 12.35 -2.74
CA VAL A 92 -0.36 13.74 -2.49
C VAL A 92 0.61 13.84 -1.32
N PHE A 93 0.43 12.98 -0.31
CA PHE A 93 1.19 13.03 0.93
C PHE A 93 2.06 11.79 1.07
N GLY A 94 2.93 11.79 2.07
CA GLY A 94 3.72 10.62 2.40
C GLY A 94 5.07 10.60 1.70
N ASP A 95 5.93 9.73 2.23
CA ASP A 95 7.26 9.49 1.69
C ASP A 95 7.84 8.27 2.39
N ILE A 96 9.12 7.98 2.11
CA ILE A 96 9.79 6.82 2.69
C ILE A 96 9.83 6.93 4.21
N ASP A 97 9.93 8.15 4.75
CA ASP A 97 10.08 8.35 6.18
C ASP A 97 8.73 8.19 6.90
N THR A 98 7.64 8.63 6.25
CA THR A 98 6.33 8.46 6.88
C THR A 98 5.97 7.00 7.04
N HIS A 99 6.52 6.13 6.17
CA HIS A 99 6.12 4.72 6.15
C HIS A 99 7.23 3.81 6.68
N HIS A 100 8.29 4.41 7.20
CA HIS A 100 9.40 3.68 7.80
C HIS A 100 8.92 2.69 8.87
N GLY A 101 8.01 3.12 9.76
CA GLY A 101 7.57 2.24 10.84
C GLY A 101 6.98 0.92 10.33
N LEU A 102 6.19 1.02 9.24
CA LEU A 102 5.64 -0.16 8.62
C LEU A 102 6.71 -0.97 7.89
N VAL A 103 7.51 -0.30 7.04
CA VAL A 103 8.45 -1.02 6.21
C VAL A 103 9.53 -1.70 7.07
N ALA A 104 10.03 -1.01 8.11
CA ALA A 104 11.01 -1.62 8.98
C ALA A 104 10.51 -2.95 9.56
N ARG A 105 9.25 -2.94 10.00
CA ARG A 105 8.60 -4.12 10.55
C ARG A 105 8.35 -5.20 9.49
N LEU A 106 7.92 -4.81 8.28
CA LEU A 106 7.79 -5.81 7.23
C LEU A 106 9.14 -6.50 7.01
N CYS A 107 10.19 -5.71 6.87
CA CYS A 107 11.53 -6.21 6.63
C CYS A 107 11.94 -7.24 7.69
N GLN A 108 11.86 -6.83 8.96
CA GLN A 108 12.42 -7.63 10.04
C GLN A 108 11.52 -8.83 10.38
N THR A 109 10.19 -8.69 10.26
CA THR A 109 9.27 -9.76 10.63
C THR A 109 9.19 -10.81 9.53
N VAL A 110 9.09 -10.38 8.27
CA VAL A 110 9.10 -11.31 7.15
C VAL A 110 10.51 -11.87 6.93
N GLY A 111 11.53 -11.09 7.31
CA GLY A 111 12.90 -11.40 6.92
C GLY A 111 13.11 -11.24 5.42
N ALA A 112 12.69 -10.09 4.89
CA ALA A 112 12.69 -9.80 3.45
C ALA A 112 13.46 -8.52 3.23
N THR A 113 14.15 -8.45 2.11
CA THR A 113 14.64 -7.20 1.55
CA THR A 113 14.62 -7.15 1.66
C THR A 113 13.43 -6.43 1.04
N VAL A 114 13.34 -5.15 1.38
CA VAL A 114 12.23 -4.32 0.96
C VAL A 114 12.80 -3.06 0.33
N ILE A 115 12.21 -2.71 -0.81
CA ILE A 115 12.53 -1.48 -1.53
C ILE A 115 11.35 -0.54 -1.33
N SER A 116 11.54 0.51 -0.53
CA SER A 116 10.51 1.51 -0.30
C SER A 116 10.70 2.63 -1.32
N VAL A 117 9.60 3.03 -1.98
CA VAL A 117 9.69 3.87 -3.16
C VAL A 117 9.14 5.28 -2.89
N ASP A 118 9.95 6.30 -3.22
CA ASP A 118 9.54 7.69 -3.11
C ASP A 118 9.06 8.20 -4.48
N TYR A 119 7.89 7.69 -4.92
CA TYR A 119 7.33 8.03 -6.22
C TYR A 119 6.88 9.49 -6.22
N SER A 120 6.72 10.05 -7.43
CA SER A 120 6.35 11.46 -7.59
C SER A 120 4.91 11.70 -7.11
N LEU A 121 4.74 12.77 -6.32
CA LEU A 121 3.45 13.11 -5.74
C LEU A 121 2.69 14.09 -6.63
N ALA A 122 1.36 14.00 -6.50
CA ALA A 122 0.42 14.93 -7.10
C ALA A 122 0.27 16.13 -6.18
N PRO A 123 -0.17 17.32 -6.66
CA PRO A 123 -0.51 17.58 -8.08
C PRO A 123 0.66 17.86 -9.04
N GLU A 124 1.88 17.95 -8.51
CA GLU A 124 3.04 18.28 -9.33
C GLU A 124 3.23 17.26 -10.45
N ALA A 125 3.07 15.97 -10.13
CA ALA A 125 2.99 14.92 -11.12
C ALA A 125 1.56 14.37 -11.09
N LYS A 126 0.99 14.11 -12.26
CA LYS A 126 -0.37 13.63 -12.36
C LYS A 126 -0.39 12.20 -12.86
N PHE A 127 -1.52 11.54 -12.59
CA PHE A 127 -1.84 10.27 -13.20
C PHE A 127 -1.51 10.31 -14.70
N PRO A 128 -0.88 9.27 -15.30
CA PRO A 128 -0.41 8.03 -14.65
C PRO A 128 1.09 7.94 -14.36
N VAL A 129 1.72 9.09 -14.10
CA VAL A 129 3.15 9.15 -13.85
C VAL A 129 3.60 8.19 -12.74
N PRO A 130 3.03 8.22 -11.52
CA PRO A 130 3.52 7.33 -10.47
C PRO A 130 3.36 5.86 -10.82
N VAL A 131 2.34 5.53 -11.64
CA VAL A 131 2.17 4.14 -12.04
C VAL A 131 3.40 3.71 -12.85
N ALA A 132 3.79 4.54 -13.83
CA ALA A 132 4.97 4.27 -14.65
C ALA A 132 6.23 4.13 -13.79
N GLU A 133 6.43 5.09 -12.88
CA GLU A 133 7.57 5.04 -11.99
C GLU A 133 7.61 3.73 -11.20
N CYS A 134 6.45 3.37 -10.64
CA CYS A 134 6.36 2.18 -9.79
C CYS A 134 6.66 0.90 -10.58
N ILE A 135 6.23 0.83 -11.84
CA ILE A 135 6.59 -0.29 -12.70
C ILE A 135 8.10 -0.33 -12.92
N ASP A 136 8.69 0.82 -13.22
CA ASP A 136 10.11 0.90 -13.51
C ASP A 136 10.93 0.47 -12.29
N VAL A 137 10.51 0.88 -11.09
CA VAL A 137 11.27 0.50 -9.90
C VAL A 137 11.13 -1.01 -9.67
N ALA A 138 9.92 -1.55 -9.89
CA ALA A 138 9.75 -2.99 -9.72
C ALA A 138 10.66 -3.75 -10.70
N ARG A 139 10.77 -3.26 -11.94
CA ARG A 139 11.62 -3.91 -12.93
CA ARG A 139 11.63 -3.87 -12.95
C ARG A 139 13.09 -3.86 -12.50
N TRP A 140 13.52 -2.70 -12.01
CA TRP A 140 14.86 -2.55 -11.47
C TRP A 140 15.11 -3.62 -10.40
N ALA A 141 14.18 -3.72 -9.45
CA ALA A 141 14.36 -4.69 -8.36
C ALA A 141 14.45 -6.13 -8.88
N ALA A 142 13.64 -6.47 -9.89
CA ALA A 142 13.67 -7.81 -10.46
C ALA A 142 15.03 -8.10 -11.10
N HIS A 143 15.63 -7.07 -11.74
CA HIS A 143 16.92 -7.18 -12.38
C HIS A 143 18.05 -7.32 -11.34
N GLU A 144 17.93 -6.61 -10.21
CA GLU A 144 18.95 -6.62 -9.16
C GLU A 144 18.86 -7.88 -8.29
N ALA A 145 17.69 -8.54 -8.25
CA ALA A 145 17.43 -9.57 -7.26
C ALA A 145 18.53 -10.65 -7.21
N PRO A 146 18.97 -11.21 -8.36
CA PRO A 146 19.99 -12.28 -8.31
C PRO A 146 21.27 -11.88 -7.57
N GLY A 147 21.65 -10.59 -7.66
CA GLY A 147 22.87 -10.11 -7.01
C GLY A 147 22.72 -9.91 -5.50
N TRP A 148 21.46 -10.01 -5.03
CA TRP A 148 21.13 -10.04 -3.62
C TRP A 148 20.91 -11.47 -3.16
N GLY A 149 21.15 -12.44 -4.06
CA GLY A 149 20.92 -13.86 -3.76
C GLY A 149 19.44 -14.24 -3.74
N LEU A 150 18.62 -13.55 -4.54
CA LEU A 150 17.17 -13.71 -4.47
C LEU A 150 16.62 -14.13 -5.84
N LYS A 151 15.38 -14.59 -5.85
CA LYS A 151 14.63 -14.84 -7.08
C LYS A 151 14.27 -13.52 -7.77
N PRO A 152 14.26 -13.47 -9.12
CA PRO A 152 13.92 -12.24 -9.83
C PRO A 152 12.44 -11.84 -9.84
N SER A 153 11.57 -12.61 -9.22
CA SER A 153 10.17 -12.24 -9.20
C SER A 153 9.93 -11.47 -7.91
N ILE A 154 9.22 -10.36 -8.01
CA ILE A 154 9.08 -9.46 -6.87
CA ILE A 154 9.04 -9.37 -6.96
C ILE A 154 7.69 -9.59 -6.27
N VAL A 155 7.60 -9.17 -5.02
CA VAL A 155 6.33 -8.98 -4.34
C VAL A 155 6.09 -7.48 -4.28
N VAL A 156 4.95 -7.03 -4.79
CA VAL A 156 4.60 -5.62 -4.67
C VAL A 156 3.64 -5.46 -3.50
N ALA A 157 3.69 -4.29 -2.85
CA ALA A 157 2.92 -4.04 -1.65
C ALA A 157 2.62 -2.56 -1.56
N GLY A 158 1.51 -2.22 -0.90
CA GLY A 158 1.27 -0.83 -0.58
C GLY A 158 -0.01 -0.63 0.20
N ASP A 159 -0.07 0.48 0.93
CA ASP A 159 -1.25 0.87 1.68
C ASP A 159 -2.03 1.97 0.94
N SER A 160 -3.37 1.84 0.90
CA SER A 160 -4.23 2.92 0.46
C SER A 160 -3.92 3.30 -1.01
N ALA A 161 -3.51 4.55 -1.31
CA ALA A 161 -3.07 4.92 -2.65
C ALA A 161 -1.92 4.02 -3.11
N GLY A 162 -1.05 3.61 -2.16
CA GLY A 162 0.03 2.69 -2.47
C GLY A 162 -0.47 1.29 -2.86
N GLY A 163 -1.61 0.89 -2.27
CA GLY A 163 -2.24 -0.36 -2.61
C GLY A 163 -2.87 -0.31 -4.00
N ASN A 164 -3.36 0.88 -4.38
CA ASN A 164 -3.82 1.13 -5.73
C ASN A 164 -2.66 0.89 -6.69
N LEU A 165 -1.48 1.46 -6.37
CA LEU A 165 -0.34 1.34 -7.26
C LEU A 165 0.09 -0.12 -7.35
N ALA A 166 0.11 -0.83 -6.22
CA ALA A 166 0.51 -2.23 -6.24
C ALA A 166 -0.45 -3.04 -7.12
N ALA A 167 -1.75 -2.75 -7.03
CA ALA A 167 -2.74 -3.50 -7.78
C ALA A 167 -2.62 -3.25 -9.29
N VAL A 168 -2.31 -1.99 -9.66
CA VAL A 168 -2.19 -1.60 -11.06
C VAL A 168 -0.91 -2.20 -11.61
N VAL A 169 0.21 -2.05 -10.88
CA VAL A 169 1.45 -2.66 -11.32
C VAL A 169 1.23 -4.16 -11.59
N SER A 170 0.51 -4.84 -10.69
CA SER A 170 0.23 -6.24 -10.83
C SER A 170 -0.57 -6.52 -12.11
N GLN A 171 -1.59 -5.69 -12.40
CA GLN A 171 -2.40 -5.89 -13.60
C GLN A 171 -1.59 -5.65 -14.88
N ARG A 172 -0.60 -4.74 -14.82
CA ARG A 172 0.22 -4.41 -15.98
C ARG A 172 1.42 -5.34 -16.14
N ALA A 173 1.69 -6.17 -15.12
CA ALA A 173 2.98 -6.85 -15.05
C ALA A 173 3.27 -7.72 -16.26
N LYS A 174 2.34 -8.57 -16.70
CA LYS A 174 2.66 -9.45 -17.82
C LYS A 174 2.91 -8.65 -19.09
N ASP A 175 2.11 -7.60 -19.31
CA ASP A 175 2.27 -6.77 -20.50
C ASP A 175 3.60 -6.02 -20.48
N GLU A 176 4.13 -5.78 -19.27
CA GLU A 176 5.37 -5.05 -19.11
C GLU A 176 6.58 -5.99 -18.88
N SER A 177 6.40 -7.31 -19.10
CA SER A 177 7.45 -8.30 -18.92
C SER A 177 8.06 -8.19 -17.52
N LEU A 178 7.21 -7.96 -16.52
CA LEU A 178 7.63 -7.78 -15.13
C LEU A 178 7.22 -9.00 -14.32
N PRO A 179 8.16 -9.77 -13.75
CA PRO A 179 7.80 -10.96 -12.97
C PRO A 179 7.40 -10.62 -11.54
N ILE A 180 6.13 -10.89 -11.21
CA ILE A 180 5.57 -10.61 -9.89
C ILE A 180 5.03 -11.89 -9.29
N ALA A 181 5.55 -12.22 -8.10
CA ALA A 181 5.18 -13.44 -7.37
C ALA A 181 3.95 -13.25 -6.48
N ALA A 182 3.67 -12.01 -6.06
CA ALA A 182 2.52 -11.75 -5.19
C ALA A 182 2.27 -10.25 -5.08
N GLN A 183 1.06 -9.92 -4.63
CA GLN A 183 0.65 -8.56 -4.38
C GLN A 183 0.02 -8.48 -3.00
N LEU A 184 0.44 -7.49 -2.20
CA LEU A 184 -0.05 -7.26 -0.86
C LEU A 184 -0.74 -5.90 -0.84
N LEU A 185 -2.06 -5.93 -0.72
CA LEU A 185 -2.87 -4.73 -0.80
C LEU A 185 -3.44 -4.44 0.59
N PHE A 186 -2.99 -3.33 1.19
CA PHE A 186 -3.45 -2.93 2.51
C PHE A 186 -4.45 -1.80 2.32
N TYR A 187 -5.71 -2.11 2.60
CA TYR A 187 -6.83 -1.19 2.46
C TYR A 187 -6.65 -0.30 1.23
N PRO A 188 -6.55 -0.93 0.05
CA PRO A 188 -6.32 -0.17 -1.19
C PRO A 188 -7.55 0.62 -1.64
N ALA A 189 -7.26 1.70 -2.39
CA ALA A 189 -8.24 2.35 -3.24
C ALA A 189 -8.23 1.67 -4.60
N LEU A 190 -9.40 1.20 -5.08
CA LEU A 190 -9.41 0.40 -6.31
C LEU A 190 -10.46 0.84 -7.32
N ASP A 191 -11.49 1.59 -6.89
CA ASP A 191 -12.61 1.89 -7.76
C ASP A 191 -13.03 3.33 -7.50
N MET A 192 -12.62 4.21 -8.41
CA MET A 192 -12.93 5.63 -8.29
C MET A 192 -14.27 5.99 -8.96
N VAL A 193 -14.98 5.01 -9.54
CA VAL A 193 -16.22 5.25 -10.26
C VAL A 193 -17.42 4.97 -9.38
N HIS A 194 -17.42 3.83 -8.67
CA HIS A 194 -18.64 3.33 -8.04
C HIS A 194 -18.65 3.66 -6.56
N GLU A 195 -19.82 4.08 -6.07
CA GLU A 195 -20.04 4.23 -4.64
C GLU A 195 -20.38 2.82 -4.15
N THR A 196 -19.79 2.42 -3.03
CA THR A 196 -20.15 1.19 -2.36
C THR A 196 -20.84 1.54 -1.04
N PRO A 197 -21.50 0.58 -0.35
CA PRO A 197 -22.10 0.90 0.93
C PRO A 197 -21.12 1.48 1.94
N SER A 198 -19.92 0.90 2.07
CA SER A 198 -18.93 1.40 3.01
C SER A 198 -18.53 2.83 2.66
N LYS A 199 -18.42 3.13 1.36
CA LYS A 199 -17.98 4.45 0.95
C LYS A 199 -19.05 5.48 1.29
N ARG A 200 -20.32 5.08 1.19
CA ARG A 200 -21.43 5.96 1.45
C ARG A 200 -21.52 6.19 2.96
N ASP A 201 -21.32 5.12 3.74
CA ASP A 201 -21.70 5.11 5.16
C ASP A 201 -20.55 5.47 6.10
N PHE A 202 -19.29 5.26 5.69
CA PHE A 202 -18.16 5.50 6.59
C PHE A 202 -17.26 6.63 6.10
N ALA A 203 -17.78 7.55 5.29
CA ALA A 203 -16.94 8.57 4.68
C ALA A 203 -16.82 9.84 5.52
N ARG A 204 -17.41 9.87 6.72
CA ARG A 204 -17.15 10.99 7.64
C ARG A 204 -16.84 10.43 9.03
N GLY A 205 -15.74 10.90 9.65
CA GLY A 205 -15.49 10.61 11.05
C GLY A 205 -14.55 9.43 11.33
N TYR A 206 -14.07 8.74 10.28
CA TYR A 206 -13.21 7.57 10.46
C TYR A 206 -11.85 7.79 9.80
N LEU A 207 -11.33 9.03 9.91
CA LEU A 207 -9.98 9.45 9.54
C LEU A 207 -9.85 9.70 8.05
N LEU A 208 -10.27 8.78 7.19
CA LEU A 208 -10.31 8.98 5.74
C LEU A 208 -11.71 9.45 5.35
N GLU A 209 -11.82 10.69 4.87
CA GLU A 209 -13.05 11.43 4.67
CA GLU A 209 -13.15 11.22 4.64
C GLU A 209 -13.38 11.57 3.18
N ALA A 210 -14.67 11.69 2.85
CA ALA A 210 -15.16 11.91 1.49
C ALA A 210 -14.54 13.13 0.85
N ASP A 211 -14.54 14.25 1.58
CA ASP A 211 -13.99 15.51 1.08
C ASP A 211 -12.52 15.36 0.71
N ALA A 212 -11.77 14.64 1.56
CA ALA A 212 -10.36 14.39 1.30
C ALA A 212 -10.18 13.55 0.04
N MET A 213 -10.96 12.47 -0.10
CA MET A 213 -10.81 11.59 -1.24
C MET A 213 -11.12 12.34 -2.53
N GLN A 214 -12.17 13.18 -2.52
CA GLN A 214 -12.49 13.98 -3.69
C GLN A 214 -11.31 14.89 -4.03
N TRP A 215 -10.73 15.54 -3.01
CA TRP A 215 -9.62 16.45 -3.21
C TRP A 215 -8.38 15.70 -3.72
N PHE A 216 -8.10 14.52 -3.17
CA PHE A 216 -6.99 13.72 -3.69
C PHE A 216 -7.17 13.43 -5.18
N GLY A 217 -8.38 13.03 -5.58
CA GLY A 217 -8.65 12.79 -7.00
C GLY A 217 -8.43 14.04 -7.86
N GLU A 218 -8.84 15.21 -7.35
CA GLU A 218 -8.64 16.47 -8.06
C GLU A 218 -7.15 16.75 -8.27
N GLN A 219 -6.31 16.34 -7.31
CA GLN A 219 -4.87 16.62 -7.42
C GLN A 219 -4.22 15.62 -8.37
N TYR A 220 -4.63 14.34 -8.29
CA TYR A 220 -3.95 13.28 -9.01
C TYR A 220 -4.41 13.16 -10.46
N LEU A 221 -5.73 13.16 -10.68
CA LEU A 221 -6.24 12.89 -12.02
C LEU A 221 -6.09 14.11 -12.90
N ARG A 222 -5.99 13.88 -14.23
CA ARG A 222 -5.85 14.97 -15.17
C ARG A 222 -7.21 15.62 -15.45
N THR A 223 -8.22 14.78 -15.65
CA THR A 223 -9.60 15.21 -15.85
C THR A 223 -10.53 14.22 -15.14
N PRO A 224 -11.80 14.60 -14.88
CA PRO A 224 -12.71 13.70 -14.19
C PRO A 224 -12.91 12.36 -14.88
N ASP A 225 -12.68 12.32 -16.18
CA ASP A 225 -12.88 11.12 -16.97
C ASP A 225 -11.87 10.05 -16.60
N ASP A 226 -10.74 10.44 -15.98
CA ASP A 226 -9.69 9.47 -15.67
C ASP A 226 -10.19 8.44 -14.64
N VAL A 227 -11.30 8.71 -13.92
CA VAL A 227 -11.79 7.78 -12.92
C VAL A 227 -12.08 6.41 -13.53
N SER A 228 -12.47 6.40 -14.81
CA SER A 228 -12.87 5.17 -15.48
C SER A 228 -11.68 4.47 -16.18
N HIS A 229 -10.46 5.04 -16.08
CA HIS A 229 -9.28 4.43 -16.67
C HIS A 229 -8.86 3.25 -15.79
N PRO A 230 -8.58 2.03 -16.30
CA PRO A 230 -8.20 0.92 -15.41
C PRO A 230 -6.89 1.10 -14.62
N TRP A 231 -6.02 2.02 -15.04
CA TRP A 231 -4.82 2.31 -14.28
C TRP A 231 -5.09 3.23 -13.09
N ALA A 232 -6.28 3.86 -13.03
CA ALA A 232 -6.79 4.58 -11.88
C ALA A 232 -7.72 3.71 -11.04
N SER A 233 -8.57 2.91 -11.72
CA SER A 233 -9.61 2.11 -11.12
C SER A 233 -9.41 0.64 -11.52
N PRO A 234 -8.39 -0.06 -10.98
CA PRO A 234 -8.12 -1.43 -11.39
C PRO A 234 -9.26 -2.41 -11.12
N ALA A 235 -10.18 -2.06 -10.19
CA ALA A 235 -11.34 -2.91 -9.96
C ALA A 235 -12.23 -3.02 -11.20
N LEU A 236 -12.10 -2.10 -12.18
CA LEU A 236 -12.93 -2.12 -13.39
C LEU A 236 -12.45 -3.18 -14.38
N SER A 237 -11.24 -3.71 -14.22
CA SER A 237 -10.68 -4.61 -15.22
C SER A 237 -11.48 -5.92 -15.30
N PRO A 238 -11.99 -6.32 -16.48
CA PRO A 238 -12.86 -7.50 -16.53
C PRO A 238 -12.15 -8.85 -16.46
N ASP A 239 -10.85 -8.90 -16.75
CA ASP A 239 -10.14 -10.17 -16.74
C ASP A 239 -9.01 -10.12 -15.70
N LEU A 240 -9.23 -10.85 -14.61
CA LEU A 240 -8.28 -10.92 -13.51
C LEU A 240 -7.55 -12.27 -13.49
N THR A 241 -7.80 -13.12 -14.49
CA THR A 241 -7.16 -14.43 -14.51
C THR A 241 -5.64 -14.29 -14.61
N GLY A 242 -4.95 -15.19 -13.89
CA GLY A 242 -3.50 -15.28 -13.99
C GLY A 242 -2.73 -14.18 -13.25
N LEU A 243 -3.44 -13.31 -12.51
CA LEU A 243 -2.78 -12.26 -11.75
C LEU A 243 -2.04 -12.86 -10.56
N PRO A 244 -1.07 -12.11 -9.99
CA PRO A 244 -0.27 -12.66 -8.89
C PRO A 244 -1.12 -12.96 -7.66
N PRO A 245 -0.79 -14.04 -6.93
CA PRO A 245 -1.38 -14.29 -5.61
C PRO A 245 -1.50 -13.02 -4.78
N ALA A 246 -2.64 -12.88 -4.11
CA ALA A 246 -3.03 -11.62 -3.51
C ALA A 246 -3.39 -11.78 -2.03
N LEU A 247 -2.86 -10.89 -1.20
CA LEU A 247 -3.31 -10.72 0.18
C LEU A 247 -4.02 -9.38 0.21
N VAL A 248 -5.29 -9.37 0.62
CA VAL A 248 -6.05 -8.15 0.66
C VAL A 248 -6.53 -7.94 2.09
N ILE A 249 -5.99 -6.91 2.73
CA ILE A 249 -6.29 -6.60 4.12
C ILE A 249 -7.20 -5.39 4.13
N THR A 250 -8.35 -5.50 4.81
CA THR A 250 -9.25 -4.37 4.91
C THR A 250 -9.51 -4.04 6.38
N ALA A 251 -10.05 -2.84 6.61
CA ALA A 251 -10.50 -2.40 7.93
C ALA A 251 -12.02 -2.33 7.91
N GLU A 252 -12.67 -2.76 8.99
CA GLU A 252 -14.14 -2.79 9.02
C GLU A 252 -14.78 -1.42 8.75
N TYR A 253 -14.23 -0.36 9.34
CA TYR A 253 -14.88 0.95 9.31
C TYR A 253 -14.07 1.93 8.46
N ASP A 254 -13.87 1.53 7.22
CA ASP A 254 -13.09 2.20 6.22
C ASP A 254 -14.03 2.38 5.03
N PRO A 255 -14.16 3.60 4.47
CA PRO A 255 -14.97 3.78 3.28
C PRO A 255 -14.48 2.90 2.13
N LEU A 256 -13.16 2.62 2.07
CA LEU A 256 -12.61 1.80 0.97
C LEU A 256 -12.81 0.30 1.21
N ARG A 257 -13.38 -0.10 2.35
CA ARG A 257 -13.50 -1.51 2.68
C ARG A 257 -14.15 -2.32 1.55
N ASP A 258 -15.34 -1.89 1.13
CA ASP A 258 -16.15 -2.73 0.26
C ASP A 258 -15.50 -2.95 -1.10
N GLU A 259 -14.84 -1.92 -1.67
CA GLU A 259 -14.17 -2.11 -2.96
C GLU A 259 -12.98 -3.04 -2.80
N GLY A 260 -12.30 -3.01 -1.64
CA GLY A 260 -11.18 -3.92 -1.40
C GLY A 260 -11.67 -5.37 -1.35
N GLU A 261 -12.72 -5.60 -0.57
CA GLU A 261 -13.24 -6.95 -0.35
C GLU A 261 -13.85 -7.46 -1.65
N ALA A 262 -14.52 -6.58 -2.42
CA ALA A 262 -15.11 -7.02 -3.67
C ALA A 262 -14.00 -7.43 -4.65
N TYR A 263 -12.91 -6.66 -4.69
CA TYR A 263 -11.80 -7.03 -5.54
C TYR A 263 -11.21 -8.38 -5.14
N ALA A 264 -11.04 -8.62 -3.84
CA ALA A 264 -10.56 -9.92 -3.38
C ALA A 264 -11.50 -11.04 -3.83
N GLU A 265 -12.81 -10.84 -3.77
CA GLU A 265 -13.78 -11.83 -4.22
C GLU A 265 -13.63 -12.10 -5.72
N ALA A 266 -13.43 -11.03 -6.49
CA ALA A 266 -13.27 -11.13 -7.93
C ALA A 266 -11.97 -11.87 -8.27
N LEU A 267 -10.89 -11.56 -7.55
CA LEU A 267 -9.64 -12.28 -7.78
C LEU A 267 -9.85 -13.78 -7.52
N ARG A 268 -10.50 -14.13 -6.40
CA ARG A 268 -10.68 -15.51 -5.98
C ARG A 268 -11.45 -16.29 -7.05
N ALA A 269 -12.51 -15.65 -7.56
CA ALA A 269 -13.38 -16.24 -8.57
C ALA A 269 -12.66 -16.35 -9.92
N ALA A 270 -11.60 -15.56 -10.12
CA ALA A 270 -10.78 -15.61 -11.32
C ALA A 270 -9.62 -16.60 -11.16
N GLY A 271 -9.65 -17.42 -10.09
CA GLY A 271 -8.66 -18.47 -9.85
C GLY A 271 -7.32 -17.94 -9.35
N VAL A 272 -7.29 -16.67 -8.89
CA VAL A 272 -6.09 -16.10 -8.27
C VAL A 272 -6.03 -16.54 -6.81
N PRO A 273 -4.92 -17.16 -6.35
CA PRO A 273 -4.81 -17.56 -4.94
C PRO A 273 -4.90 -16.27 -4.10
N THR A 274 -5.92 -16.21 -3.24
CA THR A 274 -6.25 -14.94 -2.58
C THR A 274 -6.54 -15.19 -1.11
N GLU A 275 -5.93 -14.38 -0.25
CA GLU A 275 -6.31 -14.34 1.15
C GLU A 275 -6.92 -12.97 1.44
N GLN A 276 -8.10 -12.97 2.04
CA GLN A 276 -8.89 -11.78 2.30
C GLN A 276 -9.11 -11.71 3.80
N ILE A 277 -8.56 -10.68 4.43
CA ILE A 277 -8.63 -10.53 5.89
C ILE A 277 -9.18 -9.15 6.22
N ARG A 278 -10.33 -9.13 6.90
CA ARG A 278 -10.90 -7.93 7.48
C ARG A 278 -10.52 -7.87 8.96
N PHE A 279 -9.87 -6.77 9.36
CA PHE A 279 -9.63 -6.50 10.76
C PHE A 279 -10.84 -5.72 11.29
N ASP A 280 -11.57 -6.37 12.20
CA ASP A 280 -12.82 -5.84 12.72
C ASP A 280 -12.59 -4.71 13.71
N GLY A 281 -13.52 -3.75 13.71
CA GLY A 281 -13.39 -2.62 14.61
C GLY A 281 -12.24 -1.67 14.28
N MET A 282 -11.61 -1.83 13.11
CA MET A 282 -10.46 -1.02 12.73
C MET A 282 -10.90 0.05 11.72
N ILE A 283 -9.99 1.01 11.53
CA ILE A 283 -10.16 2.10 10.60
C ILE A 283 -9.06 2.08 9.54
N HIS A 284 -9.29 2.84 8.46
CA HIS A 284 -8.30 3.04 7.41
C HIS A 284 -7.00 3.55 8.02
N GLY A 285 -5.86 3.04 7.55
CA GLY A 285 -4.58 3.59 7.95
C GLY A 285 -3.92 2.82 9.08
N PHE A 286 -4.54 1.73 9.57
CA PHE A 286 -4.10 1.17 10.86
C PHE A 286 -2.74 0.50 10.76
N MET A 287 -2.29 0.17 9.54
CA MET A 287 -1.01 -0.50 9.38
C MET A 287 0.17 0.48 9.37
N THR A 288 -0.08 1.79 9.50
CA THR A 288 0.95 2.76 9.79
C THR A 288 0.64 3.50 11.12
N MET A 289 -0.10 2.83 12.01
CA MET A 289 -0.45 3.41 13.28
C MET A 289 -0.07 2.41 14.38
N PRO A 290 1.22 2.38 14.82
CA PRO A 290 1.69 1.30 15.71
C PRO A 290 1.14 1.31 17.13
N ILE A 291 0.34 2.34 17.47
CA ILE A 291 -0.44 2.33 18.70
C ILE A 291 -1.48 1.21 18.74
N PHE A 292 -1.80 0.63 17.58
CA PHE A 292 -2.76 -0.46 17.48
C PHE A 292 -2.03 -1.77 17.31
N PRO A 293 -2.23 -2.77 18.20
CA PRO A 293 -1.62 -4.08 17.99
C PRO A 293 -2.00 -4.78 16.69
N GLN A 294 -3.13 -4.36 16.09
CA GLN A 294 -3.57 -4.94 14.84
C GLN A 294 -2.57 -4.66 13.72
N MET A 295 -1.75 -3.60 13.84
CA MET A 295 -0.74 -3.34 12.84
C MET A 295 0.26 -4.50 12.78
N GLU A 296 0.73 -4.94 13.95
CA GLU A 296 1.65 -6.07 14.03
C GLU A 296 0.95 -7.37 13.67
N ALA A 297 -0.34 -7.53 14.04
CA ALA A 297 -1.08 -8.71 13.61
C ALA A 297 -1.12 -8.81 12.08
N ALA A 298 -1.34 -7.69 11.40
CA ALA A 298 -1.44 -7.66 9.95
C ALA A 298 -0.09 -7.95 9.32
N ILE A 299 0.99 -7.46 9.96
CA ILE A 299 2.34 -7.78 9.48
C ILE A 299 2.64 -9.28 9.65
N GLU A 300 2.14 -9.91 10.72
CA GLU A 300 2.26 -11.35 10.86
CA GLU A 300 2.26 -11.35 10.86
C GLU A 300 1.44 -12.05 9.77
N ALA A 301 0.26 -11.51 9.42
CA ALA A 301 -0.52 -12.07 8.33
C ALA A 301 0.31 -12.04 7.03
N VAL A 302 1.06 -10.95 6.83
CA VAL A 302 1.90 -10.84 5.64
C VAL A 302 2.93 -11.97 5.65
N ALA A 303 3.63 -12.12 6.78
CA ALA A 303 4.66 -13.15 6.86
C ALA A 303 4.08 -14.53 6.59
N ARG A 304 2.92 -14.83 7.19
CA ARG A 304 2.29 -16.12 7.03
C ARG A 304 1.88 -16.37 5.57
N PHE A 305 1.37 -15.32 4.93
CA PHE A 305 0.98 -15.45 3.54
C PHE A 305 2.21 -15.71 2.68
N LEU A 306 3.27 -14.94 2.89
CA LEU A 306 4.46 -15.07 2.05
C LEU A 306 5.18 -16.41 2.28
N GLU A 307 5.02 -17.04 3.45
CA GLU A 307 5.57 -18.38 3.68
C GLU A 307 5.01 -19.39 2.67
N ARG A 308 3.81 -19.12 2.12
CA ARG A 308 3.11 -20.06 1.25
CA ARG A 308 3.10 -20.06 1.25
CA ARG A 308 3.15 -20.09 1.25
C ARG A 308 3.47 -19.86 -0.23
N ILE A 309 4.23 -18.80 -0.55
CA ILE A 309 4.52 -18.46 -1.95
C ILE A 309 5.54 -19.43 -2.57
N ASP A 310 6.48 -19.96 -1.77
CA ASP A 310 7.52 -20.87 -2.23
C ASP A 310 7.52 -22.19 -1.42
#